data_6VTB
#
_entry.id   6VTB
#
_cell.length_a   53.031
_cell.length_b   64.221
_cell.length_c   101.888
_cell.angle_alpha   90.000
_cell.angle_beta   90.000
_cell.angle_gamma   90.000
#
_symmetry.space_group_name_H-M   'P 21 21 21'
#
loop_
_entity.id
_entity.type
_entity.pdbx_description
1 polymer 'RNA ligase'
2 non-polymer "ADENOSINE-5'-TRIPHOSPHATE"
3 non-polymer 'MANGANESE (II) ION'
4 water water
#
_entity_poly.entity_id   1
_entity_poly.type   'polypeptide(L)'
_entity_poly.pdbx_seq_one_letter_code
;SMGVRKLATIRTAGEITPIAGAEAIECCHVDGWTCVIKKGEFKQGDRGVYFEIDSFIKEDNDRYPMLSKQVIDYEGQRGT
RLRTARLRGQLSQGLFLPMDRFPELASNQVGDDVTEILGITKWEPPISTNLSGEILGEFPTFISKTDQERVQNLIPQIEE
NKGQKFEVTVKLDGSSMTVYRKDDHIGVCGRNWELRETATNAQWHAARRNKMIEGLQFLNRNLALQGEIIGESIQGNLEK
LKGQDFYLFDIYDIDKAQYLTPIERQSLVKQLNDNGFTVKHVPILDDLELNHTAEQILAMADGPSLNKNVKREGLVFKRL
DGKFSFAAISNAYLEKHKDR
;
_entity_poly.pdbx_strand_id   A
#
loop_
_chem_comp.id
_chem_comp.type
_chem_comp.name
_chem_comp.formula
ATP non-polymer ADENOSINE-5'-TRIPHOSPHATE 'C10 H16 N5 O13 P3'
MN non-polymer 'MANGANESE (II) ION' 'Mn 2'
#
# COMPACT_ATOMS: atom_id res chain seq x y z
N SER A 1 -4.29 0.91 -4.86
CA SER A 1 -4.44 2.36 -4.88
C SER A 1 -3.08 3.03 -4.70
N MET A 2 -3.05 4.36 -4.67
CA MET A 2 -1.82 5.09 -4.39
C MET A 2 -2.08 5.97 -3.18
N GLY A 3 -1.88 5.41 -1.99
CA GLY A 3 -2.26 6.14 -0.80
C GLY A 3 -3.75 6.43 -0.83
N VAL A 4 -4.11 7.69 -0.60
CA VAL A 4 -5.51 8.11 -0.58
C VAL A 4 -6.08 8.33 -1.97
N ARG A 5 -5.30 8.09 -3.03
CA ARG A 5 -5.74 8.29 -4.40
C ARG A 5 -6.10 6.97 -5.05
N LYS A 6 -6.95 7.05 -6.08
CA LYS A 6 -7.38 5.92 -6.90
C LYS A 6 -8.19 4.88 -6.12
N LEU A 7 -8.85 5.30 -5.02
CA LEU A 7 -9.75 4.39 -4.32
C LEU A 7 -10.96 4.06 -5.18
N ALA A 8 -11.51 5.06 -5.86
CA ALA A 8 -12.62 4.87 -6.79
C ALA A 8 -12.16 5.35 -8.15
N THR A 9 -12.22 4.47 -9.16
CA THR A 9 -11.77 4.79 -10.50
C THR A 9 -12.76 4.24 -11.53
N ILE A 10 -12.74 4.83 -12.72
CA ILE A 10 -13.52 4.33 -13.85
C ILE A 10 -12.77 3.17 -14.48
N ARG A 11 -13.41 2.02 -14.58
CA ARG A 11 -12.77 0.81 -15.10
C ARG A 11 -13.72 0.11 -16.06
N THR A 12 -13.18 -0.86 -16.78
CA THR A 12 -13.91 -1.62 -17.77
C THR A 12 -14.26 -3.00 -17.22
N ALA A 13 -15.53 -3.38 -17.34
CA ALA A 13 -15.94 -4.74 -16.97
C ALA A 13 -15.24 -5.77 -17.86
N GLY A 14 -14.59 -6.74 -17.22
CA GLY A 14 -13.97 -7.85 -17.92
C GLY A 14 -14.92 -9.02 -18.09
N GLU A 15 -14.35 -10.23 -18.05
CA GLU A 15 -15.14 -11.44 -18.21
C GLU A 15 -16.16 -11.56 -17.07
N ILE A 16 -17.40 -11.87 -17.44
CA ILE A 16 -18.47 -12.10 -16.48
C ILE A 16 -18.88 -13.56 -16.56
N THR A 17 -18.94 -14.24 -15.42
CA THR A 17 -19.26 -15.65 -15.38
C THR A 17 -20.36 -15.92 -14.37
N PRO A 18 -21.19 -16.93 -14.61
CA PRO A 18 -22.25 -17.26 -13.65
C PRO A 18 -21.68 -17.81 -12.35
N ILE A 19 -22.45 -17.66 -11.29
CA ILE A 19 -22.09 -18.14 -9.96
C ILE A 19 -23.02 -19.31 -9.63
N ALA A 20 -22.42 -20.40 -9.13
CA ALA A 20 -23.16 -21.64 -8.90
C ALA A 20 -24.34 -21.43 -7.98
N GLY A 21 -25.53 -21.74 -8.49
CA GLY A 21 -26.75 -21.68 -7.69
C GLY A 21 -27.44 -20.33 -7.61
N ALA A 22 -26.72 -19.29 -7.19
CA ALA A 22 -27.30 -17.97 -7.00
C ALA A 22 -27.75 -17.41 -8.34
N GLU A 23 -29.05 -17.20 -8.48
CA GLU A 23 -29.66 -16.83 -9.76
C GLU A 23 -29.66 -15.32 -10.00
N ALA A 24 -29.28 -14.51 -9.02
CA ALA A 24 -29.42 -13.08 -9.12
C ALA A 24 -28.09 -12.33 -9.23
N ILE A 25 -26.97 -13.03 -9.18
CA ILE A 25 -25.65 -12.39 -9.16
C ILE A 25 -24.74 -13.11 -10.13
N GLU A 26 -23.61 -12.46 -10.45
CA GLU A 26 -22.59 -13.07 -11.28
C GLU A 26 -21.23 -12.53 -10.88
N CYS A 27 -20.18 -13.20 -11.36
CA CYS A 27 -18.80 -12.83 -11.04
C CYS A 27 -18.25 -11.96 -12.16
N CYS A 28 -17.67 -10.81 -11.80
CA CYS A 28 -17.12 -9.89 -12.78
C CYS A 28 -15.63 -9.72 -12.53
N HIS A 29 -14.82 -9.99 -13.55
CA HIS A 29 -13.41 -9.63 -13.49
C HIS A 29 -13.26 -8.15 -13.80
N VAL A 30 -12.55 -7.44 -12.93
CA VAL A 30 -12.24 -6.02 -13.12
C VAL A 30 -10.73 -5.91 -12.95
N ASP A 31 -10.02 -5.71 -14.06
CA ASP A 31 -8.55 -5.76 -14.07
C ASP A 31 -8.13 -7.06 -13.40
N GLY A 32 -7.22 -7.05 -12.41
CA GLY A 32 -6.83 -8.27 -11.75
C GLY A 32 -7.73 -8.68 -10.59
N TRP A 33 -8.86 -8.01 -10.38
CA TRP A 33 -9.78 -8.28 -9.31
C TRP A 33 -10.94 -9.13 -9.79
N THR A 34 -11.61 -9.78 -8.83
CA THR A 34 -12.88 -10.45 -9.07
C THR A 34 -13.88 -9.95 -8.04
N CYS A 35 -15.07 -9.57 -8.49
CA CYS A 35 -16.08 -9.18 -7.50
C CYS A 35 -17.46 -9.55 -8.00
N VAL A 36 -18.37 -9.64 -7.03
CA VAL A 36 -19.75 -10.04 -7.31
C VAL A 36 -20.54 -8.83 -7.73
N ILE A 37 -21.27 -8.96 -8.85
CA ILE A 37 -22.18 -7.93 -9.33
C ILE A 37 -23.58 -8.52 -9.40
N LYS A 38 -24.57 -7.64 -9.44
CA LYS A 38 -25.93 -8.10 -9.66
C LYS A 38 -26.20 -8.29 -11.14
N LYS A 39 -27.03 -9.28 -11.48
CA LYS A 39 -27.41 -9.42 -12.87
C LYS A 39 -28.17 -8.19 -13.32
N GLY A 40 -27.96 -7.81 -14.58
CA GLY A 40 -28.53 -6.59 -15.12
C GLY A 40 -27.65 -5.36 -15.02
N GLU A 41 -26.54 -5.44 -14.27
CA GLU A 41 -25.73 -4.25 -14.03
C GLU A 41 -24.71 -4.02 -15.15
N PHE A 42 -24.07 -5.09 -15.65
CA PHE A 42 -22.95 -4.93 -16.57
C PHE A 42 -23.00 -5.96 -17.69
N LYS A 43 -22.45 -5.58 -18.83
CA LYS A 43 -21.93 -6.50 -19.83
C LYS A 43 -20.44 -6.23 -20.00
N GLN A 44 -19.70 -7.27 -20.39
CA GLN A 44 -18.27 -7.11 -20.60
C GLN A 44 -18.01 -5.94 -21.55
N GLY A 45 -17.08 -5.07 -21.15
CA GLY A 45 -16.73 -3.89 -21.91
C GLY A 45 -17.35 -2.60 -21.40
N ASP A 46 -18.39 -2.70 -20.57
CA ASP A 46 -19.03 -1.52 -19.99
C ASP A 46 -18.10 -0.83 -19.00
N ARG A 47 -18.22 0.50 -18.94
CA ARG A 47 -17.60 1.26 -17.87
C ARG A 47 -18.34 1.08 -16.55
N GLY A 48 -17.59 1.21 -15.46
CA GLY A 48 -18.20 1.30 -14.13
C GLY A 48 -17.24 2.02 -13.20
N VAL A 49 -17.75 2.34 -12.01
CA VAL A 49 -16.91 2.86 -10.93
C VAL A 49 -16.49 1.69 -10.07
N TYR A 50 -15.19 1.47 -9.95
CA TYR A 50 -14.67 0.39 -9.12
C TYR A 50 -14.10 1.00 -7.85
N PHE A 51 -14.62 0.55 -6.71
CA PHE A 51 -14.15 0.96 -5.40
C PHE A 51 -13.30 -0.17 -4.84
N GLU A 52 -12.03 0.13 -4.58
CA GLU A 52 -11.08 -0.88 -4.15
C GLU A 52 -11.27 -1.21 -2.67
N ILE A 53 -10.85 -2.42 -2.28
CA ILE A 53 -10.78 -2.72 -0.84
C ILE A 53 -9.97 -1.66 -0.12
N ASP A 54 -10.34 -1.38 1.13
CA ASP A 54 -9.87 -0.35 2.04
C ASP A 54 -10.60 0.97 1.81
N SER A 55 -11.41 1.11 0.75
CA SER A 55 -12.28 2.27 0.63
C SER A 55 -13.26 2.33 1.78
N PHE A 56 -13.49 3.52 2.29
CA PHE A 56 -14.55 3.76 3.26
C PHE A 56 -15.59 4.62 2.57
N ILE A 57 -16.80 4.07 2.45
CA ILE A 57 -17.89 4.70 1.72
C ILE A 57 -18.93 5.15 2.73
N LYS A 58 -19.08 6.45 2.88
CA LYS A 58 -19.98 6.97 3.90
C LYS A 58 -21.42 6.60 3.54
N GLU A 59 -22.21 6.37 4.58
CA GLU A 59 -23.59 5.95 4.43
C GLU A 59 -24.36 6.88 3.51
N ASP A 60 -24.96 6.30 2.46
CA ASP A 60 -25.76 7.06 1.51
C ASP A 60 -26.71 6.04 0.88
N ASN A 61 -27.95 6.00 1.35
CA ASN A 61 -28.87 4.98 0.87
C ASN A 61 -29.37 5.27 -0.53
N ASP A 62 -29.25 6.51 -1.01
CA ASP A 62 -29.66 6.82 -2.38
C ASP A 62 -28.66 6.24 -3.38
N ARG A 63 -27.37 6.45 -3.14
CA ARG A 63 -26.33 6.02 -4.04
C ARG A 63 -25.85 4.60 -3.76
N TYR A 64 -25.76 4.21 -2.46
CA TYR A 64 -25.17 2.93 -2.09
C TYR A 64 -26.13 2.10 -1.24
N PRO A 65 -27.36 1.86 -1.71
CA PRO A 65 -28.28 1.07 -0.90
C PRO A 65 -27.83 -0.36 -0.70
N MET A 66 -26.96 -0.87 -1.57
CA MET A 66 -26.45 -2.23 -1.44
C MET A 66 -25.48 -2.38 -0.28
N LEU A 67 -25.07 -1.28 0.35
CA LEU A 67 -24.17 -1.33 1.50
C LEU A 67 -24.87 -1.07 2.81
N SER A 68 -26.21 -0.90 2.79
CA SER A 68 -26.93 -0.37 3.95
C SER A 68 -26.77 -1.22 5.19
N LYS A 69 -26.62 -2.54 5.05
CA LYS A 69 -26.49 -3.43 6.20
C LYS A 69 -25.05 -3.87 6.42
N GLN A 70 -24.09 -3.14 5.85
CA GLN A 70 -22.67 -3.41 6.03
C GLN A 70 -21.98 -2.26 6.75
N VAL A 71 -22.73 -1.24 7.12
CA VAL A 71 -22.19 -0.03 7.74
C VAL A 71 -21.63 -0.32 9.12
N ILE A 72 -20.56 0.39 9.46
CA ILE A 72 -20.02 0.47 10.81
C ILE A 72 -19.89 1.95 11.18
N ASP A 73 -19.68 2.20 12.47
CA ASP A 73 -19.32 3.56 12.88
C ASP A 73 -17.81 3.68 12.95
N TYR A 74 -17.25 4.53 12.10
CA TYR A 74 -15.81 4.67 11.94
C TYR A 74 -15.42 6.14 11.99
N GLU A 75 -14.54 6.49 12.91
CA GLU A 75 -14.13 7.89 13.09
C GLU A 75 -15.34 8.81 13.20
N GLY A 76 -16.34 8.36 13.95
CA GLY A 76 -17.51 9.18 14.21
C GLY A 76 -18.52 9.24 13.09
N GLN A 77 -18.36 8.43 12.03
CA GLN A 77 -19.28 8.47 10.90
C GLN A 77 -19.69 7.08 10.48
N ARG A 78 -20.95 6.93 10.12
CA ARG A 78 -21.45 5.68 9.62
C ARG A 78 -21.04 5.50 8.17
N GLY A 79 -20.49 4.34 7.85
CA GLY A 79 -20.14 4.05 6.48
C GLY A 79 -19.64 2.62 6.39
N THR A 80 -19.27 2.22 5.17
CA THR A 80 -18.89 0.85 4.92
C THR A 80 -17.41 0.76 4.55
N ARG A 81 -16.68 -0.09 5.26
CA ARG A 81 -15.31 -0.42 4.91
C ARG A 81 -15.33 -1.60 3.94
N LEU A 82 -14.82 -1.40 2.73
CA LEU A 82 -14.72 -2.52 1.80
C LEU A 82 -13.56 -3.42 2.18
N ARG A 83 -13.86 -4.71 2.31
CA ARG A 83 -12.93 -5.72 2.76
C ARG A 83 -13.01 -6.92 1.82
N THR A 84 -11.93 -7.69 1.82
CA THR A 84 -11.93 -9.00 1.18
C THR A 84 -13.08 -9.85 1.70
N ALA A 85 -13.81 -10.47 0.78
CA ALA A 85 -14.97 -11.27 1.14
C ALA A 85 -14.89 -12.63 0.45
N ARG A 86 -15.62 -13.59 1.01
CA ARG A 86 -15.84 -14.84 0.32
C ARG A 86 -17.32 -15.19 0.35
N LEU A 87 -17.76 -15.82 -0.74
CA LEU A 87 -19.11 -16.34 -0.88
C LEU A 87 -18.98 -17.78 -1.34
N ARG A 88 -19.41 -18.72 -0.49
CA ARG A 88 -19.19 -20.15 -0.73
C ARG A 88 -17.73 -20.42 -1.12
N GLY A 89 -16.82 -19.74 -0.43
CA GLY A 89 -15.40 -19.95 -0.67
C GLY A 89 -14.81 -19.18 -1.83
N GLN A 90 -15.63 -18.43 -2.58
CA GLN A 90 -15.16 -17.71 -3.75
C GLN A 90 -14.75 -16.29 -3.35
N LEU A 91 -13.55 -15.91 -3.77
CA LEU A 91 -13.01 -14.59 -3.43
C LEU A 91 -13.78 -13.47 -4.13
N SER A 92 -14.10 -12.43 -3.38
CA SER A 92 -14.71 -11.21 -3.91
C SER A 92 -14.03 -10.02 -3.27
N GLN A 93 -13.57 -9.07 -4.08
CA GLN A 93 -12.89 -7.90 -3.55
C GLN A 93 -13.34 -6.66 -4.30
N GLY A 94 -13.79 -5.66 -3.53
CA GLY A 94 -14.19 -4.38 -4.09
C GLY A 94 -15.65 -4.34 -4.47
N LEU A 95 -16.06 -3.15 -4.92
CA LEU A 95 -17.44 -2.87 -5.32
C LEU A 95 -17.42 -2.24 -6.71
N PHE A 96 -18.21 -2.79 -7.64
CA PHE A 96 -18.22 -2.33 -9.02
C PHE A 96 -19.63 -1.88 -9.35
N LEU A 97 -19.82 -0.59 -9.60
CA LEU A 97 -21.16 -0.08 -9.84
C LEU A 97 -21.27 0.54 -11.23
N PRO A 98 -22.40 0.32 -11.90
CA PRO A 98 -22.54 0.82 -13.27
C PRO A 98 -22.82 2.32 -13.31
N MET A 99 -22.62 2.88 -14.50
CA MET A 99 -22.59 4.33 -14.64
C MET A 99 -23.95 4.99 -14.44
N ASP A 100 -25.06 4.23 -14.56
CA ASP A 100 -26.36 4.83 -14.30
C ASP A 100 -26.46 5.38 -12.88
N ARG A 101 -25.67 4.85 -11.95
CA ARG A 101 -25.67 5.39 -10.59
C ARG A 101 -24.92 6.70 -10.49
N PHE A 102 -24.16 7.08 -11.51
CA PHE A 102 -23.29 8.26 -11.45
C PHE A 102 -23.46 9.10 -12.70
N PRO A 103 -24.64 9.67 -12.91
CA PRO A 103 -24.81 10.54 -14.09
C PRO A 103 -23.83 11.71 -14.11
N GLU A 104 -23.38 12.17 -12.94
CA GLU A 104 -22.45 13.30 -12.93
C GLU A 104 -21.05 12.91 -13.39
N LEU A 105 -20.77 11.60 -13.53
CA LEU A 105 -19.48 11.13 -14.01
C LEU A 105 -19.54 10.68 -15.47
N ALA A 106 -20.58 11.07 -16.20
CA ALA A 106 -20.77 10.56 -17.55
C ALA A 106 -19.65 10.97 -18.50
N SER A 107 -18.93 12.05 -18.23
CA SER A 107 -17.83 12.47 -19.10
C SER A 107 -16.48 11.92 -18.67
N ASN A 108 -16.43 11.11 -17.64
CA ASN A 108 -15.15 10.59 -17.17
C ASN A 108 -14.73 9.38 -17.98
N GLN A 109 -13.44 9.34 -18.32
CA GLN A 109 -12.86 8.29 -19.13
C GLN A 109 -12.40 7.14 -18.23
N VAL A 110 -12.30 5.95 -18.82
CA VAL A 110 -11.62 4.83 -18.17
C VAL A 110 -10.27 5.31 -17.67
N GLY A 111 -9.95 4.95 -16.43
CA GLY A 111 -8.71 5.36 -15.80
C GLY A 111 -8.83 6.60 -14.93
N ASP A 112 -9.90 7.38 -15.08
CA ASP A 112 -10.08 8.57 -14.25
C ASP A 112 -10.23 8.19 -12.79
N ASP A 113 -9.59 8.98 -11.94
CA ASP A 113 -9.72 8.85 -10.48
C ASP A 113 -10.88 9.73 -10.04
N VAL A 114 -11.93 9.11 -9.50
CA VAL A 114 -13.10 9.85 -9.02
C VAL A 114 -13.23 9.75 -7.50
N THR A 115 -12.13 9.45 -6.81
CA THR A 115 -12.12 9.36 -5.35
C THR A 115 -12.65 10.62 -4.68
N GLU A 116 -12.13 11.78 -5.06
CA GLU A 116 -12.48 13.02 -4.36
C GLU A 116 -13.91 13.46 -4.66
N ILE A 117 -14.32 13.40 -5.93
CA ILE A 117 -15.65 13.87 -6.26
C ILE A 117 -16.72 13.02 -5.58
N LEU A 118 -16.43 11.74 -5.32
CA LEU A 118 -17.35 10.89 -4.58
C LEU A 118 -17.10 10.91 -3.07
N GLY A 119 -16.06 11.61 -2.61
CA GLY A 119 -15.80 11.70 -1.18
C GLY A 119 -15.36 10.41 -0.53
N ILE A 120 -14.67 9.56 -1.27
CA ILE A 120 -14.23 8.28 -0.73
C ILE A 120 -12.94 8.49 0.07
N THR A 121 -12.85 7.86 1.21
CA THR A 121 -11.65 7.95 2.04
C THR A 121 -11.09 6.54 2.24
N LYS A 122 -9.89 6.47 2.83
CA LYS A 122 -9.25 5.17 3.05
C LYS A 122 -9.39 4.80 4.52
N TRP A 123 -9.96 3.63 4.78
CA TRP A 123 -10.05 3.13 6.14
C TRP A 123 -8.65 2.81 6.68
N GLU A 124 -8.39 3.17 7.94
CA GLU A 124 -7.14 2.83 8.57
C GLU A 124 -7.37 2.27 9.96
N PRO A 125 -6.54 1.33 10.41
CA PRO A 125 -6.68 0.79 11.75
C PRO A 125 -6.22 1.80 12.79
N PRO A 126 -6.47 1.54 14.08
CA PRO A 126 -6.05 2.49 15.10
C PRO A 126 -4.54 2.64 15.14
N ILE A 127 -4.11 3.85 15.48
CA ILE A 127 -2.68 4.18 15.58
C ILE A 127 -2.35 4.37 17.06
N SER A 128 -1.25 3.78 17.50
CA SER A 128 -0.93 3.92 18.91
C SER A 128 -0.35 5.30 19.19
N THR A 129 -0.39 5.69 20.46
CA THR A 129 -0.09 7.06 20.88
C THR A 129 1.25 7.55 20.35
N ASN A 130 2.28 6.74 20.50
CA ASN A 130 3.62 7.21 20.19
C ASN A 130 3.92 7.26 18.69
N LEU A 131 3.02 6.78 17.84
CA LEU A 131 3.22 6.86 16.40
C LEU A 131 2.55 8.08 15.80
N SER A 132 1.82 8.86 16.60
CA SER A 132 1.25 10.13 16.18
C SER A 132 2.07 11.23 16.83
N GLY A 133 2.80 12.00 16.03
CA GLY A 133 3.74 12.96 16.54
C GLY A 133 3.18 14.37 16.58
N GLU A 134 4.00 15.27 17.14
CA GLU A 134 3.77 16.70 16.99
C GLU A 134 4.11 17.11 15.57
N ILE A 135 3.13 17.69 14.87
CA ILE A 135 3.29 18.00 13.45
C ILE A 135 4.18 19.23 13.30
N LEU A 136 5.35 19.05 12.67
CA LEU A 136 6.21 20.16 12.31
C LEU A 136 5.73 20.87 11.07
N GLY A 137 5.31 20.11 10.06
CA GLY A 137 4.89 20.69 8.80
C GLY A 137 4.52 19.60 7.82
N GLU A 138 4.26 20.03 6.59
CA GLU A 138 3.85 19.12 5.53
C GLU A 138 4.89 18.05 5.30
N PHE A 139 4.45 16.89 4.82
CA PHE A 139 5.40 15.95 4.24
C PHE A 139 6.17 16.67 3.14
N PRO A 140 7.50 16.61 3.13
CA PRO A 140 8.28 17.43 2.20
C PRO A 140 7.86 17.18 0.75
N THR A 141 7.55 18.26 0.05
CA THR A 141 7.11 18.16 -1.35
C THR A 141 8.23 17.65 -2.26
N PHE A 142 9.48 17.67 -1.80
CA PHE A 142 10.62 17.22 -2.58
C PHE A 142 11.02 15.76 -2.26
N ILE A 143 10.19 15.03 -1.50
CA ILE A 143 10.39 13.62 -1.25
C ILE A 143 9.15 12.87 -1.69
N SER A 144 9.34 11.78 -2.44
CA SER A 144 8.23 10.91 -2.80
C SER A 144 7.67 10.20 -1.57
N LYS A 145 6.35 10.06 -1.54
CA LYS A 145 5.70 9.17 -0.59
C LYS A 145 6.08 7.72 -0.89
N THR A 146 5.80 6.84 0.07
CA THR A 146 6.18 5.43 -0.07
C THR A 146 5.04 4.54 -0.57
N ASP A 147 3.97 5.13 -1.10
CA ASP A 147 2.85 4.35 -1.63
C ASP A 147 3.31 3.39 -2.71
N GLN A 148 2.70 2.20 -2.73
CA GLN A 148 2.92 1.20 -3.76
C GLN A 148 1.58 0.77 -4.33
N GLU A 149 1.53 0.68 -5.66
CA GLU A 149 0.34 0.18 -6.33
C GLU A 149 0.27 -1.33 -6.24
N ARG A 150 -0.94 -1.87 -6.20
CA ARG A 150 -1.18 -3.31 -6.15
C ARG A 150 -1.06 -3.96 -7.53
N VAL A 151 -0.54 -5.18 -7.56
CA VAL A 151 -0.34 -5.87 -8.83
C VAL A 151 -1.67 -6.06 -9.58
N GLN A 152 -2.78 -6.20 -8.84
CA GLN A 152 -4.09 -6.35 -9.48
C GLN A 152 -4.44 -5.18 -10.36
N ASN A 153 -3.84 -4.03 -10.12
CA ASN A 153 -4.13 -2.82 -10.89
C ASN A 153 -3.11 -2.57 -11.98
N LEU A 154 -2.24 -3.54 -12.26
CA LEU A 154 -1.11 -3.31 -13.15
C LEU A 154 -1.01 -4.37 -14.23
N ILE A 155 -2.15 -4.90 -14.68
CA ILE A 155 -2.15 -6.02 -15.64
C ILE A 155 -1.37 -5.67 -16.89
N PRO A 156 -1.65 -4.55 -17.59
CA PRO A 156 -0.83 -4.23 -18.78
C PRO A 156 0.62 -3.96 -18.45
N GLN A 157 0.89 -3.36 -17.29
CA GLN A 157 2.27 -3.02 -16.95
C GLN A 157 3.10 -4.27 -16.67
N ILE A 158 2.48 -5.31 -16.11
CA ILE A 158 3.17 -6.58 -15.90
C ILE A 158 3.67 -7.15 -17.23
N GLU A 159 2.85 -7.05 -18.29
CA GLU A 159 3.29 -7.53 -19.60
C GLU A 159 4.33 -6.61 -20.20
N GLU A 160 4.14 -5.29 -20.04
CA GLU A 160 5.11 -4.30 -20.52
C GLU A 160 6.49 -4.54 -19.94
N ASN A 161 6.56 -5.06 -18.71
CA ASN A 161 7.82 -5.30 -18.01
C ASN A 161 8.30 -6.74 -18.13
N LYS A 162 7.74 -7.51 -19.05
CA LYS A 162 8.23 -8.86 -19.26
C LYS A 162 9.72 -8.82 -19.56
N GLY A 163 10.47 -9.69 -18.89
CA GLY A 163 11.92 -9.73 -19.03
C GLY A 163 12.70 -8.78 -18.16
N GLN A 164 12.03 -7.84 -17.48
CA GLN A 164 12.71 -6.95 -16.58
C GLN A 164 12.99 -7.66 -15.25
N LYS A 165 14.02 -7.20 -14.55
CA LYS A 165 14.45 -7.82 -13.31
C LYS A 165 14.04 -6.97 -12.11
N PHE A 166 13.65 -7.62 -11.03
CA PHE A 166 13.11 -6.96 -9.84
C PHE A 166 13.78 -7.45 -8.57
N GLU A 167 14.08 -6.51 -7.67
CA GLU A 167 14.36 -6.84 -6.28
C GLU A 167 13.05 -7.19 -5.59
N VAL A 168 13.03 -8.33 -4.91
CA VAL A 168 11.84 -8.80 -4.20
C VAL A 168 12.12 -8.66 -2.72
N THR A 169 11.29 -7.90 -2.01
CA THR A 169 11.45 -7.76 -0.57
C THR A 169 10.16 -8.13 0.15
N VAL A 170 10.34 -8.56 1.40
CA VAL A 170 9.19 -8.81 2.26
C VAL A 170 8.56 -7.48 2.65
N LYS A 171 7.23 -7.41 2.52
CA LYS A 171 6.46 -6.25 2.95
C LYS A 171 6.19 -6.40 4.44
N LEU A 172 6.80 -5.53 5.24
CA LEU A 172 6.62 -5.54 6.68
C LEU A 172 5.40 -4.72 7.06
N ASP A 173 4.72 -5.15 8.12
CA ASP A 173 3.45 -4.53 8.54
C ASP A 173 3.74 -3.62 9.73
N GLY A 174 4.08 -2.37 9.44
CA GLY A 174 4.37 -1.39 10.46
C GLY A 174 3.86 -0.02 10.04
N SER A 175 4.70 0.99 10.16
CA SER A 175 4.34 2.34 9.77
C SER A 175 5.47 2.92 8.93
N SER A 176 5.12 3.62 7.86
CA SER A 176 6.12 4.22 6.99
C SER A 176 6.80 5.40 7.67
N MET A 177 8.13 5.43 7.59
CA MET A 177 8.91 6.47 8.24
C MET A 177 9.99 6.95 7.29
N THR A 178 10.18 8.26 7.21
CA THR A 178 11.18 8.87 6.35
C THR A 178 12.11 9.73 7.20
N VAL A 179 13.41 9.50 7.08
CA VAL A 179 14.42 10.35 7.70
C VAL A 179 15.26 10.92 6.58
N TYR A 180 15.35 12.25 6.50
CA TYR A 180 15.94 12.86 5.32
C TYR A 180 16.86 14.02 5.69
N ARG A 181 17.78 14.29 4.78
CA ARG A 181 18.62 15.48 4.81
C ARG A 181 18.39 16.28 3.54
N LYS A 182 18.14 17.58 3.70
CA LYS A 182 18.19 18.52 2.57
C LYS A 182 18.98 19.73 3.05
N ASP A 183 20.22 19.81 2.60
CA ASP A 183 21.13 20.92 2.92
C ASP A 183 21.26 21.02 4.44
N ASP A 184 20.87 22.14 5.06
CA ASP A 184 21.13 22.36 6.48
C ASP A 184 20.01 21.85 7.37
N HIS A 185 19.12 21.02 6.86
CA HIS A 185 18.01 20.50 7.63
C HIS A 185 17.97 18.99 7.53
N ILE A 186 17.80 18.33 8.66
CA ILE A 186 17.51 16.89 8.70
C ILE A 186 16.20 16.74 9.45
N GLY A 187 15.27 15.98 8.87
CA GLY A 187 13.95 15.83 9.44
C GLY A 187 13.53 14.37 9.53
N VAL A 188 12.56 14.13 10.42
CA VAL A 188 11.95 12.82 10.60
C VAL A 188 10.47 12.97 10.25
N CYS A 189 9.98 12.10 9.38
CA CYS A 189 8.58 12.12 8.98
C CYS A 189 7.93 10.77 9.27
N GLY A 190 6.61 10.82 9.46
CA GLY A 190 5.82 9.61 9.47
C GLY A 190 5.27 9.34 8.07
N ARG A 191 4.04 8.81 7.98
CA ARG A 191 3.48 8.53 6.66
C ARG A 191 3.09 9.80 5.94
N ASN A 192 2.59 10.80 6.67
CA ASN A 192 1.94 11.96 6.07
C ASN A 192 2.52 13.30 6.48
N TRP A 193 3.30 13.38 7.56
CA TRP A 193 3.72 14.67 8.09
C TRP A 193 5.16 14.60 8.57
N GLU A 194 5.84 15.74 8.51
CA GLU A 194 7.10 15.87 9.22
C GLU A 194 6.82 16.14 10.69
N LEU A 195 7.62 15.52 11.57
CA LEU A 195 7.36 15.50 13.00
C LEU A 195 8.44 16.24 13.80
N ARG A 196 8.02 16.95 14.83
CA ARG A 196 8.95 17.50 15.80
C ARG A 196 9.47 16.41 16.73
N GLU A 197 10.72 16.56 17.16
CA GLU A 197 11.29 15.60 18.08
C GLU A 197 10.72 15.77 19.48
N THR A 198 10.31 14.66 20.09
CA THR A 198 9.91 14.60 21.48
C THR A 198 10.54 13.37 22.10
N ALA A 199 10.47 13.29 23.43
CA ALA A 199 11.10 12.21 24.16
C ALA A 199 10.36 10.89 24.02
N THR A 200 9.10 10.92 23.57
CA THR A 200 8.33 9.69 23.47
C THR A 200 7.89 9.33 22.05
N ASN A 201 8.17 10.15 21.05
CA ASN A 201 7.75 9.81 19.70
C ASN A 201 8.54 8.63 19.18
N ALA A 202 7.83 7.66 18.59
CA ALA A 202 8.44 6.39 18.22
C ALA A 202 9.34 6.54 17.01
N GLN A 203 8.93 7.33 16.02
CA GLN A 203 9.78 7.50 14.83
C GLN A 203 11.09 8.17 15.21
N TRP A 204 11.03 9.26 15.98
CA TRP A 204 12.25 9.91 16.43
C TRP A 204 13.10 8.98 17.29
N HIS A 205 12.45 8.19 18.16
CA HIS A 205 13.23 7.29 18.99
C HIS A 205 13.98 6.27 18.14
N ALA A 206 13.33 5.73 17.11
CA ALA A 206 13.99 4.78 16.22
C ALA A 206 15.14 5.43 15.47
N ALA A 207 14.93 6.66 14.98
CA ALA A 207 16.00 7.38 14.30
C ALA A 207 17.18 7.62 15.22
N ARG A 208 16.91 7.95 16.49
CA ARG A 208 17.99 8.23 17.42
C ARG A 208 18.75 6.96 17.80
N ARG A 209 18.03 5.85 17.99
CA ARG A 209 18.70 4.65 18.47
C ARG A 209 19.66 4.07 17.43
N ASN A 210 19.35 4.21 16.14
CA ASN A 210 20.23 3.68 15.11
C ASN A 210 21.16 4.75 14.52
N LYS A 211 21.19 5.95 15.11
CA LYS A 211 22.10 7.02 14.70
C LYS A 211 21.90 7.42 13.24
N MET A 212 20.68 7.30 12.71
CA MET A 212 20.57 7.54 11.27
C MET A 212 20.62 9.02 10.93
N ILE A 213 20.39 9.92 11.88
CA ILE A 213 20.59 11.34 11.61
C ILE A 213 22.07 11.65 11.43
N GLU A 214 22.91 11.19 12.36
CA GLU A 214 24.36 11.30 12.15
C GLU A 214 24.80 10.54 10.89
N GLY A 215 24.12 9.45 10.56
CA GLY A 215 24.43 8.74 9.32
C GLY A 215 24.17 9.58 8.09
N LEU A 216 23.05 10.30 8.05
CA LEU A 216 22.78 11.19 6.92
C LEU A 216 23.84 12.29 6.84
N GLN A 217 24.28 12.80 7.99
CA GLN A 217 25.32 13.82 7.93
C GLN A 217 26.62 13.24 7.40
N PHE A 218 26.94 12.00 7.78
CA PHE A 218 28.12 11.32 7.26
C PHE A 218 28.04 11.16 5.74
N LEU A 219 26.86 10.77 5.22
CA LEU A 219 26.74 10.58 3.78
C LEU A 219 26.83 11.91 3.03
N ASN A 220 26.42 13.01 3.67
CA ASN A 220 26.66 14.36 3.13
C ASN A 220 25.99 14.55 1.77
N ARG A 221 24.78 14.00 1.64
CA ARG A 221 23.99 14.14 0.42
C ARG A 221 22.55 14.48 0.81
N ASN A 222 21.79 14.95 -0.17
CA ASN A 222 20.37 15.18 0.03
C ASN A 222 19.64 13.88 -0.29
N LEU A 223 19.36 13.11 0.76
CA LEU A 223 18.77 11.78 0.64
C LEU A 223 17.62 11.64 1.63
N ALA A 224 16.62 10.84 1.25
CA ALA A 224 15.58 10.41 2.18
C ALA A 224 15.69 8.90 2.38
N LEU A 225 16.00 8.49 3.62
CA LEU A 225 15.96 7.08 4.00
C LEU A 225 14.52 6.73 4.34
N GLN A 226 13.95 5.77 3.62
CA GLN A 226 12.55 5.42 3.79
C GLN A 226 12.44 3.96 4.21
N GLY A 227 11.69 3.72 5.28
CA GLY A 227 11.62 2.38 5.81
C GLY A 227 10.36 2.19 6.63
N GLU A 228 10.24 0.99 7.19
CA GLU A 228 9.09 0.61 7.99
C GLU A 228 9.54 0.52 9.44
N ILE A 229 8.88 1.25 10.33
CA ILE A 229 9.08 1.00 11.76
C ILE A 229 8.06 -0.04 12.20
N ILE A 230 8.56 -1.11 12.80
CA ILE A 230 7.74 -2.21 13.28
C ILE A 230 8.07 -2.50 14.74
N GLY A 231 7.22 -3.32 15.35
CA GLY A 231 7.49 -3.86 16.66
C GLY A 231 6.34 -3.68 17.63
N GLU A 232 6.65 -3.64 18.92
CA GLU A 232 5.63 -3.57 19.95
C GLU A 232 4.73 -2.35 19.74
N SER A 233 3.42 -2.56 19.93
CA SER A 233 2.39 -1.54 19.83
C SER A 233 2.17 -1.03 18.42
N ILE A 234 2.72 -1.67 17.39
CA ILE A 234 2.57 -1.22 16.01
C ILE A 234 1.90 -2.33 15.21
N GLN A 235 0.64 -2.10 14.80
CA GLN A 235 -0.01 -2.96 13.81
C GLN A 235 -0.07 -4.43 14.23
N GLY A 236 -0.23 -4.68 15.54
CA GLY A 236 -0.33 -6.04 16.01
C GLY A 236 1.00 -6.75 16.18
N ASN A 237 2.12 -6.10 15.84
CA ASN A 237 3.47 -6.62 16.07
C ASN A 237 3.62 -8.04 15.52
N LEU A 238 3.41 -8.16 14.21
CA LEU A 238 3.44 -9.47 13.58
C LEU A 238 4.76 -10.19 13.85
N GLU A 239 5.87 -9.46 13.85
CA GLU A 239 7.16 -10.13 13.97
C GLU A 239 7.52 -10.51 15.41
N LYS A 240 6.70 -10.10 16.39
CA LYS A 240 6.94 -10.43 17.80
C LYS A 240 8.24 -9.81 18.32
N LEU A 241 8.53 -8.61 17.86
CA LEU A 241 9.69 -7.89 18.36
C LEU A 241 9.46 -7.45 19.81
N LYS A 242 10.55 -7.33 20.55
CA LYS A 242 10.54 -6.54 21.77
C LYS A 242 11.12 -5.19 21.41
N GLY A 243 10.38 -4.14 21.73
CA GLY A 243 10.78 -2.83 21.27
C GLY A 243 10.36 -2.61 19.83
N GLN A 244 10.98 -1.59 19.24
CA GLN A 244 10.66 -1.18 17.88
C GLN A 244 11.95 -0.97 17.11
N ASP A 245 11.84 -1.00 15.78
CA ASP A 245 13.03 -0.77 14.98
C ASP A 245 12.63 -0.40 13.56
N PHE A 246 13.56 0.23 12.87
CA PHE A 246 13.41 0.76 11.52
C PHE A 246 14.04 -0.19 10.52
N TYR A 247 13.32 -0.50 9.44
CA TYR A 247 13.80 -1.39 8.38
C TYR A 247 13.73 -0.64 7.06
N LEU A 248 14.90 -0.33 6.49
CA LEU A 248 14.97 0.45 5.26
C LEU A 248 14.43 -0.35 4.08
N PHE A 249 13.68 0.32 3.18
CA PHE A 249 13.35 -0.30 1.90
C PHE A 249 13.64 0.58 0.69
N ASP A 250 13.93 1.87 0.89
CA ASP A 250 14.18 2.75 -0.26
C ASP A 250 15.04 3.91 0.19
N ILE A 251 15.80 4.46 -0.76
CA ILE A 251 16.52 5.73 -0.54
C ILE A 251 16.17 6.63 -1.72
N TYR A 252 15.59 7.79 -1.42
CA TYR A 252 15.22 8.75 -2.45
C TYR A 252 16.33 9.78 -2.60
N ASP A 253 16.76 9.97 -3.84
CA ASP A 253 17.73 11.01 -4.21
C ASP A 253 16.95 12.30 -4.41
N ILE A 254 17.05 13.22 -3.45
CA ILE A 254 16.22 14.42 -3.49
C ILE A 254 16.62 15.32 -4.67
N ASP A 255 17.93 15.51 -4.89
CA ASP A 255 18.37 16.43 -5.93
C ASP A 255 17.96 15.93 -7.32
N LYS A 256 18.08 14.62 -7.55
CA LYS A 256 17.71 14.03 -8.84
C LYS A 256 16.25 13.64 -8.93
N ALA A 257 15.52 13.68 -7.81
CA ALA A 257 14.09 13.35 -7.78
C ALA A 257 13.83 11.94 -8.32
N GLN A 258 14.60 10.98 -7.81
CA GLN A 258 14.40 9.58 -8.18
C GLN A 258 14.92 8.68 -7.07
N TYR A 259 14.47 7.43 -7.08
CA TYR A 259 14.96 6.45 -6.13
C TYR A 259 16.31 5.89 -6.56
N LEU A 260 17.17 5.64 -5.57
CA LEU A 260 18.37 4.87 -5.83
C LEU A 260 17.98 3.47 -6.30
N THR A 261 18.79 2.91 -7.21
CA THR A 261 18.58 1.52 -7.62
C THR A 261 18.82 0.59 -6.43
N PRO A 262 18.30 -0.64 -6.49
CA PRO A 262 18.59 -1.59 -5.40
C PRO A 262 20.07 -1.75 -5.10
N ILE A 263 20.91 -1.83 -6.13
CA ILE A 263 22.34 -2.01 -5.88
C ILE A 263 22.95 -0.76 -5.26
N GLU A 264 22.54 0.43 -5.71
CA GLU A 264 23.04 1.68 -5.10
C GLU A 264 22.63 1.76 -3.65
N ARG A 265 21.39 1.36 -3.35
CA ARG A 265 20.89 1.36 -1.99
C ARG A 265 21.63 0.35 -1.13
N GLN A 266 21.92 -0.85 -1.66
CA GLN A 266 22.70 -1.80 -0.87
C GLN A 266 24.07 -1.23 -0.51
N SER A 267 24.70 -0.51 -1.44
CA SER A 267 26.02 0.04 -1.15
C SER A 267 25.95 1.11 -0.06
N LEU A 268 24.91 1.95 -0.09
CA LEU A 268 24.78 2.96 0.96
C LEU A 268 24.50 2.33 2.32
N VAL A 269 23.71 1.26 2.36
CA VAL A 269 23.48 0.58 3.63
C VAL A 269 24.78 0.01 4.16
N LYS A 270 25.59 -0.58 3.28
CA LYS A 270 26.89 -1.10 3.69
C LYS A 270 27.80 0.00 4.22
N GLN A 271 27.84 1.14 3.52
CA GLN A 271 28.66 2.25 3.98
C GLN A 271 28.20 2.76 5.34
N LEU A 272 26.88 2.87 5.53
CA LEU A 272 26.35 3.28 6.82
C LEU A 272 26.79 2.33 7.92
N ASN A 273 26.53 1.04 7.74
CA ASN A 273 26.84 0.07 8.79
C ASN A 273 28.35 -0.06 9.02
N ASP A 274 29.13 -0.03 7.95
CA ASP A 274 30.59 -0.12 8.10
C ASP A 274 31.16 1.07 8.86
N ASN A 275 30.43 2.17 8.94
CA ASN A 275 30.93 3.37 9.61
C ASN A 275 30.20 3.64 10.92
N GLY A 276 29.49 2.64 11.44
CA GLY A 276 28.89 2.74 12.74
C GLY A 276 27.47 3.25 12.79
N PHE A 277 26.80 3.36 11.65
CA PHE A 277 25.41 3.84 11.61
C PHE A 277 24.55 2.63 11.27
N THR A 278 23.99 2.02 12.31
CA THR A 278 23.37 0.69 12.24
C THR A 278 21.97 0.77 11.65
N VAL A 279 21.87 0.72 10.33
CA VAL A 279 20.57 0.72 9.66
C VAL A 279 20.27 -0.68 9.14
N LYS A 280 19.15 -1.24 9.60
CA LYS A 280 18.64 -2.50 9.08
C LYS A 280 17.84 -2.27 7.80
N HIS A 281 17.71 -3.34 7.03
CA HIS A 281 17.02 -3.38 5.74
C HIS A 281 15.93 -4.43 5.81
N VAL A 282 14.81 -4.18 5.11
CA VAL A 282 13.76 -5.19 4.99
C VAL A 282 14.35 -6.47 4.42
N PRO A 283 13.79 -7.64 4.73
CA PRO A 283 14.31 -8.89 4.14
C PRO A 283 14.27 -8.85 2.61
N ILE A 284 15.37 -9.31 2.01
CA ILE A 284 15.50 -9.37 0.56
C ILE A 284 15.46 -10.83 0.14
N LEU A 285 14.59 -11.13 -0.81
CA LEU A 285 14.44 -12.47 -1.35
C LEU A 285 15.25 -12.57 -2.64
N ASP A 286 15.13 -13.70 -3.34
CA ASP A 286 15.79 -13.81 -4.64
C ASP A 286 15.23 -12.77 -5.61
N ASP A 287 16.10 -12.22 -6.45
CA ASP A 287 15.64 -11.41 -7.56
C ASP A 287 14.66 -12.20 -8.43
N LEU A 288 13.76 -11.48 -9.09
CA LEU A 288 12.80 -12.10 -9.99
C LEU A 288 12.90 -11.46 -11.37
N GLU A 289 13.07 -12.29 -12.39
CA GLU A 289 12.88 -11.83 -13.77
C GLU A 289 11.42 -12.05 -14.12
N LEU A 290 10.72 -10.98 -14.45
CA LEU A 290 9.27 -11.04 -14.62
C LEU A 290 8.89 -11.72 -15.93
N ASN A 291 8.20 -12.85 -15.80
CA ASN A 291 7.58 -13.55 -16.93
C ASN A 291 6.33 -14.23 -16.40
N HIS A 292 5.46 -13.46 -15.75
CA HIS A 292 4.48 -14.01 -14.81
C HIS A 292 3.14 -13.31 -14.99
N THR A 293 2.07 -14.02 -14.61
CA THR A 293 0.75 -13.42 -14.51
C THR A 293 0.57 -12.80 -13.13
N ALA A 294 -0.44 -11.92 -13.02
CA ALA A 294 -0.79 -11.40 -11.70
C ALA A 294 -1.12 -12.54 -10.75
N GLU A 295 -1.77 -13.59 -11.25
CA GLU A 295 -2.12 -14.73 -10.40
C GLU A 295 -0.88 -15.42 -9.84
N GLN A 296 0.13 -15.64 -10.69
CA GLN A 296 1.37 -16.23 -10.19
C GLN A 296 2.04 -15.30 -9.17
N ILE A 297 2.03 -13.99 -9.42
CA ILE A 297 2.63 -13.06 -8.48
C ILE A 297 1.90 -13.10 -7.14
N LEU A 298 0.56 -13.12 -7.16
CA LEU A 298 -0.18 -13.20 -5.91
C LEU A 298 0.08 -14.51 -5.19
N ALA A 299 0.34 -15.60 -5.92
CA ALA A 299 0.66 -16.86 -5.26
C ALA A 299 2.06 -16.87 -4.66
N MET A 300 2.90 -15.88 -4.97
CA MET A 300 4.18 -15.71 -4.30
C MET A 300 4.07 -14.98 -2.99
N ALA A 301 2.95 -14.28 -2.76
CA ALA A 301 2.93 -13.27 -1.70
C ALA A 301 2.98 -13.87 -0.30
N ASP A 302 2.26 -14.96 -0.06
CA ASP A 302 2.32 -15.63 1.23
C ASP A 302 3.68 -16.28 1.43
N GLY A 303 4.11 -16.35 2.69
CA GLY A 303 5.38 -16.96 3.01
C GLY A 303 5.90 -16.44 4.32
N PRO A 304 7.12 -16.84 4.68
CA PRO A 304 7.71 -16.39 5.94
C PRO A 304 8.00 -14.91 5.92
N SER A 305 7.83 -14.28 7.08
CA SER A 305 8.15 -12.87 7.20
C SER A 305 9.56 -12.75 7.78
N LEU A 306 9.90 -11.55 8.26
CA LEU A 306 11.16 -11.37 9.00
C LEU A 306 11.31 -12.44 10.07
N ASN A 307 10.27 -12.62 10.86
CA ASN A 307 10.11 -13.77 11.74
C ASN A 307 9.62 -14.92 10.87
N LYS A 308 10.46 -15.94 10.66
CA LYS A 308 10.13 -16.91 9.62
C LYS A 308 8.96 -17.82 10.00
N ASN A 309 8.50 -17.78 11.26
CA ASN A 309 7.38 -18.63 11.67
C ASN A 309 6.07 -17.85 11.66
N VAL A 310 6.07 -16.63 11.17
CA VAL A 310 4.82 -15.91 10.93
C VAL A 310 4.67 -15.69 9.44
N LYS A 311 3.44 -15.53 9.01
CA LYS A 311 3.14 -15.42 7.59
C LYS A 311 3.05 -13.94 7.22
N ARG A 312 3.80 -13.55 6.19
CA ARG A 312 4.02 -12.15 5.87
C ARG A 312 2.80 -11.50 5.21
N GLU A 313 2.79 -10.16 5.32
CA GLU A 313 1.77 -9.37 4.65
C GLU A 313 1.83 -9.55 3.14
N GLY A 314 3.03 -9.66 2.59
CA GLY A 314 3.17 -9.82 1.14
C GLY A 314 4.58 -9.42 0.74
N LEU A 315 4.69 -8.93 -0.49
CA LEU A 315 5.98 -8.65 -1.11
C LEU A 315 5.94 -7.31 -1.82
N VAL A 316 7.10 -6.66 -1.94
CA VAL A 316 7.23 -5.50 -2.81
C VAL A 316 8.30 -5.80 -3.85
N PHE A 317 8.02 -5.41 -5.08
CA PHE A 317 8.88 -5.66 -6.24
C PHE A 317 9.39 -4.31 -6.72
N LYS A 318 10.70 -4.16 -6.83
CA LYS A 318 11.29 -2.91 -7.28
C LYS A 318 12.21 -3.21 -8.46
N ARG A 319 11.89 -2.66 -9.62
CA ARG A 319 12.71 -2.90 -10.80
C ARG A 319 14.13 -2.42 -10.55
N LEU A 320 15.10 -3.13 -11.15
CA LEU A 320 16.49 -2.89 -10.79
C LEU A 320 16.99 -1.51 -11.19
N ASP A 321 16.28 -0.77 -12.04
CA ASP A 321 16.63 0.61 -12.33
C ASP A 321 15.96 1.61 -11.40
N GLY A 322 15.16 1.13 -10.45
CA GLY A 322 14.50 1.98 -9.49
C GLY A 322 13.27 2.71 -9.97
N LYS A 323 12.82 2.48 -11.22
CA LYS A 323 11.80 3.31 -11.84
C LYS A 323 10.42 2.68 -11.98
N PHE A 324 10.22 1.46 -11.49
CA PHE A 324 8.89 0.84 -11.52
C PHE A 324 8.80 -0.11 -10.35
N SER A 325 7.71 -0.06 -9.59
CA SER A 325 7.57 -0.89 -8.41
C SER A 325 6.11 -1.21 -8.16
N PHE A 326 5.85 -2.28 -7.40
CA PHE A 326 4.48 -2.63 -7.03
C PHE A 326 4.50 -3.58 -5.86
N ALA A 327 3.32 -3.74 -5.23
CA ALA A 327 3.15 -4.63 -4.11
C ALA A 327 2.25 -5.79 -4.50
N ALA A 328 2.52 -6.95 -3.91
CA ALA A 328 1.67 -8.13 -4.01
C ALA A 328 1.31 -8.51 -2.59
N ILE A 329 0.06 -8.25 -2.20
CA ILE A 329 -0.42 -8.51 -0.85
C ILE A 329 -0.98 -9.91 -0.78
N SER A 330 -0.64 -10.61 0.30
CA SER A 330 -1.16 -11.96 0.54
C SER A 330 -2.64 -11.90 0.89
N ASN A 331 -3.49 -12.51 0.05
CA ASN A 331 -4.91 -12.51 0.38
C ASN A 331 -5.16 -13.30 1.66
N ALA A 332 -4.36 -14.32 1.95
CA ALA A 332 -4.52 -15.03 3.21
C ALA A 332 -4.31 -14.10 4.40
N TYR A 333 -3.33 -13.20 4.30
CA TYR A 333 -3.08 -12.20 5.33
C TYR A 333 -4.27 -11.27 5.54
N LEU A 334 -4.87 -10.82 4.44
CA LEU A 334 -6.04 -9.95 4.54
C LEU A 334 -7.21 -10.64 5.22
N GLU A 335 -7.37 -11.94 4.99
CA GLU A 335 -8.46 -12.66 5.61
C GLU A 335 -8.15 -13.07 7.04
N LYS A 336 -6.86 -13.18 7.40
CA LYS A 336 -6.49 -13.59 8.75
C LYS A 336 -6.53 -12.42 9.73
N HIS A 337 -6.09 -11.23 9.29
CA HIS A 337 -5.96 -10.07 10.17
C HIS A 337 -7.05 -9.08 9.78
N LYS A 338 -8.28 -9.38 10.21
CA LYS A 338 -9.45 -8.65 9.72
C LYS A 338 -9.57 -7.26 10.35
N ASP A 339 -8.85 -6.98 11.42
CA ASP A 339 -8.98 -5.73 12.14
C ASP A 339 -7.88 -4.73 11.80
N ARG A 340 -7.09 -5.02 10.77
CA ARG A 340 -6.20 -4.02 10.18
C ARG A 340 -6.16 -4.19 8.67
PG ATP B . -0.48 1.87 5.47
O1G ATP B . 0.52 2.94 5.87
O2G ATP B . -1.93 2.32 5.50
O3G ATP B . -0.22 0.54 6.18
PB ATP B . -0.07 0.45 3.09
O1B ATP B . -1.45 -0.03 2.81
O2B ATP B . 0.92 -0.51 3.70
O3B ATP B . -0.20 1.78 3.91
PA ATP B . 0.78 0.53 0.33
O1A ATP B . 0.94 1.69 -0.57
O2A ATP B . -0.30 -0.48 0.04
O3A ATP B . 0.61 1.13 1.80
O5' ATP B . 2.15 -0.30 0.46
C5' ATP B . 3.36 0.43 0.60
C4' ATP B . 3.75 0.52 2.06
O4' ATP B . 4.34 -0.70 2.56
C3' ATP B . 4.83 1.56 2.25
O3' ATP B . 4.25 2.87 2.36
C2' ATP B . 5.56 1.11 3.50
O2' ATP B . 4.95 1.70 4.65
C1' ATP B . 5.29 -0.37 3.61
N9 ATP B . 6.38 -1.32 3.32
C8 ATP B . 6.66 -2.38 4.11
N7 ATP B . 7.63 -3.14 3.60
C5 ATP B . 7.99 -2.57 2.42
C6 ATP B . 8.96 -2.90 1.38
N6 ATP B . 9.74 -4.01 1.49
N1 ATP B . 9.05 -2.07 0.32
C2 ATP B . 8.26 -0.98 0.20
N3 ATP B . 7.34 -0.63 1.13
C4 ATP B . 7.17 -1.37 2.24
MN MN C . 1.20 -1.01 5.75
MN MN D . -3.84 1.49 5.44
MN MN E . -2.14 -0.84 1.20
#